data_3KMM
#
_entry.id   3KMM
#
_cell.length_a   42.579
_cell.length_b   74.160
_cell.length_c   92.850
_cell.angle_alpha   90.00
_cell.angle_beta   90.00
_cell.angle_gamma   90.00
#
_symmetry.space_group_name_H-M   'P 21 21 21'
#
loop_
_entity.id
_entity.type
_entity.pdbx_description
1 polymer 'Proto-oncogene tyrosine-protein kinase LCK'
2 non-polymer 3-(2,6-dichlorophenyl)-7-({4-[2-(diethylamino)ethoxy]phenyl}amino)-1-methyl-3,4-dihydropyrimido[4,5-d]pyrimidin-2(1H)-one
3 non-polymer 'SULFATE ION'
4 water water
#
_entity_poly.entity_id   1
_entity_poly.type   'polypeptide(L)'
_entity_poly.pdbx_seq_one_letter_code
;MHHHHHHPQKPWWEDEWEVPRETLKLVERLGAGQFGEVWMGYYNGHTKVAVKSLKQGSMSPDAFLAEANLMKQLQHQRLV
RLYAVVTQEPIYIITEYMENGSLVDFLKTPSGIKLTINKLLDMAAQIAEGMAFIEERNYIHRDLRAANILVSDTLSCKIA
DFGLARLIEDNE(PTR)TAREGAKFPIKWTAPEAINYGTFTIKSDVWSFGILLTEIVTHGRIPYPGMTNPEVIQNLERGY
RMVRPDNCPEELYQLMRLCWKERPEDRPTFDYLRSVLEDFFTATEGQFQPQP
;
_entity_poly.pdbx_strand_id   A
#
loop_
_chem_comp.id
_chem_comp.type
_chem_comp.name
_chem_comp.formula
LHL non-polymer 3-(2,6-dichlorophenyl)-7-({4-[2-(diethylamino)ethoxy]phenyl}amino)-1-methyl-3,4-dihydropyrimido[4,5-d]pyrimidin-2(1H)-one 'C25 H28 Cl2 N6 O2'
SO4 non-polymer 'SULFATE ION' 'O4 S -2'
#
# COMPACT_ATOMS: atom_id res chain seq x y z
N LYS A 10 -21.72 15.68 1.38
CA LYS A 10 -22.99 15.23 2.04
C LYS A 10 -22.87 15.41 3.55
N PRO A 11 -23.86 16.09 4.17
CA PRO A 11 -23.81 16.44 5.60
C PRO A 11 -23.77 15.20 6.49
N TRP A 12 -23.12 15.33 7.64
CA TRP A 12 -22.96 14.19 8.55
C TRP A 12 -24.31 13.59 8.95
N TRP A 13 -25.27 14.46 9.29
CA TRP A 13 -26.61 14.00 9.66
C TRP A 13 -27.28 13.32 8.48
N GLU A 14 -26.67 13.45 7.31
CA GLU A 14 -27.20 12.90 6.09
C GLU A 14 -26.26 11.82 5.55
N ASP A 15 -25.13 11.66 6.23
CA ASP A 15 -24.06 10.75 5.78
C ASP A 15 -24.34 9.34 6.27
N GLU A 16 -24.07 8.34 5.44
CA GLU A 16 -24.27 6.95 5.81
C GLU A 16 -23.09 6.36 6.59
N TRP A 17 -21.94 7.03 6.53
CA TRP A 17 -20.74 6.58 7.23
C TRP A 17 -20.54 7.14 8.63
N GLU A 18 -21.24 8.23 8.95
CA GLU A 18 -21.12 8.84 10.27
C GLU A 18 -21.70 7.94 11.37
N VAL A 19 -20.96 7.76 12.45
CA VAL A 19 -21.44 6.97 13.59
C VAL A 19 -21.20 7.70 14.91
N PRO A 20 -22.02 7.39 15.93
CA PRO A 20 -21.86 7.90 17.30
C PRO A 20 -20.60 7.36 17.96
N ARG A 21 -19.79 8.25 18.52
CA ARG A 21 -18.51 7.87 19.12
C ARG A 21 -18.67 6.88 20.26
N GLU A 22 -19.90 6.71 20.75
CA GLU A 22 -20.14 5.77 21.84
C GLU A 22 -20.37 4.35 21.34
N THR A 23 -20.56 4.18 20.03
CA THR A 23 -20.65 2.85 19.45
C THR A 23 -19.27 2.22 19.44
N LEU A 24 -18.26 3.02 19.74
CA LEU A 24 -16.87 2.60 19.65
C LEU A 24 -16.25 2.36 21.01
N LYS A 25 -15.28 1.46 21.05
CA LYS A 25 -14.59 1.12 22.28
C LYS A 25 -13.12 0.84 21.95
N LEU A 26 -12.24 1.79 22.26
CA LEU A 26 -10.81 1.64 21.92
C LEU A 26 -10.06 0.80 22.94
N VAL A 27 -9.40 -0.24 22.47
CA VAL A 27 -8.88 -1.26 23.38
C VAL A 27 -7.35 -1.33 23.42
N GLU A 28 -6.71 -1.18 22.27
CA GLU A 28 -5.27 -1.39 22.20
C GLU A 28 -4.63 -0.49 21.16
N ARG A 29 -3.59 0.23 21.55
CA ARG A 29 -2.87 1.06 20.60
C ARG A 29 -1.93 0.24 19.73
N LEU A 30 -2.05 0.43 18.42
CA LEU A 30 -1.25 -0.29 17.47
C LEU A 30 -0.08 0.57 17.03
N GLY A 31 -0.21 1.87 17.27
CA GLY A 31 0.84 2.80 16.87
C GLY A 31 0.45 4.24 17.08
N ALA A 32 1.44 5.09 17.32
CA ALA A 32 1.20 6.51 17.55
C ALA A 32 2.14 7.33 16.66
N GLY A 33 1.63 8.46 16.17
CA GLY A 33 2.41 9.26 15.25
C GLY A 33 2.30 10.74 15.52
N GLN A 34 3.00 11.53 14.71
CA GLN A 34 2.97 12.98 14.80
C GLN A 34 1.53 13.48 14.71
N PHE A 35 0.71 12.76 13.94
CA PHE A 35 -0.61 13.26 13.58
C PHE A 35 -1.75 12.53 14.28
N GLY A 36 -1.42 11.52 15.08
CA GLY A 36 -2.46 10.78 15.78
C GLY A 36 -2.08 9.34 16.06
N GLU A 37 -3.06 8.54 16.45
CA GLU A 37 -2.79 7.16 16.81
C GLU A 37 -3.70 6.20 16.03
N VAL A 38 -3.31 4.93 16.00
CA VAL A 38 -4.17 3.88 15.48
C VAL A 38 -4.45 2.87 16.58
N TRP A 39 -5.73 2.58 16.80
CA TRP A 39 -6.15 1.67 17.85
C TRP A 39 -6.92 0.50 17.29
N MET A 40 -6.82 -0.63 17.97
CA MET A 40 -7.78 -1.72 17.81
C MET A 40 -8.89 -1.51 18.82
N GLY A 41 -10.14 -1.64 18.37
CA GLY A 41 -11.26 -1.44 19.26
C GLY A 41 -12.49 -2.25 18.87
N TYR A 42 -13.63 -1.91 19.45
CA TYR A 42 -14.87 -2.65 19.20
C TYR A 42 -16.03 -1.77 18.82
N TYR A 43 -16.70 -2.11 17.73
CA TYR A 43 -17.89 -1.39 17.32
C TYR A 43 -19.14 -2.14 17.74
N ASN A 44 -20.05 -1.43 18.41
CA ASN A 44 -21.26 -2.02 18.95
C ASN A 44 -20.99 -3.34 19.66
N GLY A 45 -19.94 -3.36 20.49
CA GLY A 45 -19.66 -4.53 21.29
C GLY A 45 -18.82 -5.61 20.65
N HIS A 46 -19.29 -6.13 19.52
CA HIS A 46 -18.77 -7.42 19.03
C HIS A 46 -17.81 -7.38 17.84
N THR A 47 -17.77 -6.26 17.10
CA THR A 47 -16.98 -6.20 15.87
C THR A 47 -15.64 -5.50 16.06
N LYS A 48 -14.55 -6.19 15.74
CA LYS A 48 -13.22 -5.64 15.83
C LYS A 48 -12.95 -4.70 14.66
N VAL A 49 -12.41 -3.52 14.97
CA VAL A 49 -12.13 -2.52 13.96
C VAL A 49 -10.79 -1.90 14.25
N ALA A 50 -10.26 -1.18 13.28
CA ALA A 50 -9.12 -0.30 13.50
C ALA A 50 -9.64 1.13 13.54
N VAL A 51 -9.08 1.94 14.42
CA VAL A 51 -9.49 3.33 14.55
C VAL A 51 -8.28 4.23 14.42
N LYS A 52 -8.39 5.26 13.58
CA LYS A 52 -7.31 6.21 13.37
C LYS A 52 -7.81 7.60 13.76
N SER A 53 -7.22 8.18 14.80
CA SER A 53 -7.70 9.47 15.30
C SER A 53 -6.74 10.61 14.98
N LEU A 54 -7.30 11.76 14.62
CA LEU A 54 -6.50 12.93 14.34
C LEU A 54 -6.14 13.63 15.65
N LYS A 55 -4.86 13.93 15.79
CA LYS A 55 -4.37 14.82 16.83
C LYS A 55 -4.79 16.25 16.48
N GLN A 56 -5.68 16.82 17.28
CA GLN A 56 -6.13 18.20 17.05
C GLN A 56 -4.91 19.11 16.98
N GLY A 57 -4.76 19.78 15.84
CA GLY A 57 -3.59 20.60 15.61
C GLY A 57 -2.57 19.95 14.70
N SER A 58 -2.37 18.64 14.84
CA SER A 58 -1.33 17.97 14.07
C SER A 58 -1.45 18.25 12.57
N MET A 59 -2.68 18.47 12.12
CA MET A 59 -2.92 18.75 10.70
C MET A 59 -4.40 19.06 10.46
N SER A 60 -4.73 19.29 9.19
CA SER A 60 -6.07 19.73 8.83
C SER A 60 -7.08 18.59 8.85
N PRO A 61 -8.25 18.83 9.43
CA PRO A 61 -9.33 17.85 9.46
C PRO A 61 -9.77 17.52 8.04
N ASP A 62 -9.64 18.50 7.15
CA ASP A 62 -9.98 18.33 5.75
C ASP A 62 -8.99 17.35 5.10
N ALA A 63 -7.71 17.54 5.43
CA ALA A 63 -6.64 16.72 4.88
C ALA A 63 -6.75 15.29 5.39
N PHE A 64 -6.94 15.16 6.71
CA PHE A 64 -7.16 13.87 7.36
C PHE A 64 -8.30 13.11 6.69
N LEU A 65 -9.44 13.78 6.52
CA LEU A 65 -10.65 13.12 6.06
C LEU A 65 -10.65 12.82 4.58
N ALA A 66 -9.81 13.52 3.84
CA ALA A 66 -9.72 13.34 2.40
C ALA A 66 -9.48 11.87 2.08
N GLU A 67 -8.75 11.20 2.95
CA GLU A 67 -8.44 9.78 2.77
C GLU A 67 -9.69 8.92 2.90
N ALA A 68 -10.46 9.17 3.95
CA ALA A 68 -11.70 8.42 4.19
C ALA A 68 -12.70 8.63 3.06
N ASN A 69 -12.81 9.88 2.60
CA ASN A 69 -13.67 10.20 1.47
C ASN A 69 -13.24 9.40 0.26
N LEU A 70 -11.93 9.30 0.06
CA LEU A 70 -11.39 8.51 -1.03
C LEU A 70 -11.85 7.06 -0.95
N MET A 71 -11.85 6.52 0.27
CA MET A 71 -12.19 5.12 0.50
C MET A 71 -13.68 4.85 0.37
N LYS A 72 -14.49 5.91 0.29
CA LYS A 72 -15.91 5.75 0.05
C LYS A 72 -16.14 5.31 -1.39
N GLN A 73 -15.22 5.67 -2.28
CA GLN A 73 -15.32 5.34 -3.70
C GLN A 73 -14.74 3.97 -4.01
N LEU A 74 -13.48 3.78 -3.60
CA LEU A 74 -12.76 2.54 -3.86
C LEU A 74 -13.09 1.50 -2.81
N GLN A 75 -13.95 0.55 -3.16
CA GLN A 75 -14.22 -0.59 -2.29
C GLN A 75 -13.96 -1.89 -3.02
N HIS A 76 -13.33 -2.83 -2.33
CA HIS A 76 -12.96 -4.10 -2.95
C HIS A 76 -12.44 -5.03 -1.87
N GLN A 77 -12.65 -6.32 -2.07
CA GLN A 77 -12.16 -7.32 -1.12
C GLN A 77 -10.66 -7.20 -0.87
N ARG A 78 -9.93 -6.72 -1.88
CA ARG A 78 -8.47 -6.61 -1.80
C ARG A 78 -7.98 -5.24 -1.31
N LEU A 79 -8.89 -4.29 -1.14
CA LEU A 79 -8.57 -3.01 -0.49
C LEU A 79 -9.19 -2.96 0.90
N VAL A 80 -8.50 -2.33 1.85
CA VAL A 80 -9.03 -2.22 3.20
C VAL A 80 -10.34 -1.43 3.16
N ARG A 81 -11.33 -1.90 3.92
CA ARG A 81 -12.69 -1.40 3.80
C ARG A 81 -12.95 -0.29 4.81
N LEU A 82 -13.51 0.82 4.33
CA LEU A 82 -13.93 1.91 5.21
C LEU A 82 -15.16 1.45 5.96
N TYR A 83 -15.20 1.65 7.26
CA TYR A 83 -16.39 1.33 8.03
C TYR A 83 -17.22 2.58 8.32
N ALA A 84 -16.57 3.62 8.82
CA ALA A 84 -17.30 4.79 9.27
C ALA A 84 -16.37 5.92 9.67
N VAL A 85 -16.97 7.08 9.94
CA VAL A 85 -16.26 8.25 10.41
C VAL A 85 -17.01 8.90 11.57
N VAL A 86 -16.26 9.41 12.54
CA VAL A 86 -16.80 10.39 13.48
C VAL A 86 -16.23 11.75 13.09
N THR A 87 -17.06 12.59 12.48
CA THR A 87 -16.57 13.83 11.88
C THR A 87 -16.71 15.01 12.83
N GLN A 88 -16.50 14.73 14.11
CA GLN A 88 -16.46 15.74 15.16
C GLN A 88 -15.32 15.37 16.11
N GLU A 89 -14.69 16.37 16.72
CA GLU A 89 -13.37 16.17 17.30
C GLU A 89 -13.37 15.55 18.69
N PRO A 90 -12.48 14.57 18.94
CA PRO A 90 -11.51 14.07 17.95
C PRO A 90 -12.15 13.37 16.76
N ILE A 91 -11.56 13.52 15.58
CA ILE A 91 -12.09 12.88 14.39
C ILE A 91 -11.58 11.45 14.29
N TYR A 92 -12.45 10.53 13.89
CA TYR A 92 -12.09 9.12 13.77
C TYR A 92 -12.32 8.63 12.35
N ILE A 93 -11.41 7.79 11.86
CA ILE A 93 -11.69 6.95 10.70
C ILE A 93 -11.63 5.48 11.15
N ILE A 94 -12.73 4.76 10.93
CA ILE A 94 -12.84 3.38 11.37
C ILE A 94 -12.81 2.45 10.16
N THR A 95 -11.89 1.49 10.18
CA THR A 95 -11.79 0.54 9.07
C THR A 95 -11.91 -0.87 9.61
N GLU A 96 -12.06 -1.83 8.71
CA GLU A 96 -11.96 -3.23 9.07
C GLU A 96 -10.59 -3.52 9.67
N TYR A 97 -10.53 -4.53 10.54
CA TYR A 97 -9.33 -4.85 11.26
C TYR A 97 -8.59 -6.01 10.61
N MET A 98 -7.30 -5.79 10.34
CA MET A 98 -6.45 -6.85 9.79
C MET A 98 -5.57 -7.44 10.88
N GLU A 99 -5.77 -8.73 11.15
CA GLU A 99 -5.22 -9.33 12.36
C GLU A 99 -3.70 -9.48 12.36
N ASN A 100 -3.12 -9.76 11.21
CA ASN A 100 -1.68 -9.95 11.14
C ASN A 100 -0.92 -8.68 10.84
N GLY A 101 -1.66 -7.59 10.68
CA GLY A 101 -1.01 -6.30 10.56
C GLY A 101 -0.20 -6.15 9.29
N SER A 102 0.93 -5.46 9.42
CA SER A 102 1.75 -5.10 8.27
C SER A 102 2.45 -6.30 7.66
N LEU A 103 2.54 -6.33 6.34
CA LEU A 103 3.16 -7.44 5.64
C LEU A 103 4.65 -7.49 5.97
N VAL A 104 5.26 -6.32 6.10
CA VAL A 104 6.69 -6.23 6.33
C VAL A 104 7.03 -6.75 7.73
N ASP A 105 6.23 -6.35 8.72
CA ASP A 105 6.40 -6.87 10.07
C ASP A 105 6.13 -8.37 10.07
N PHE A 106 4.99 -8.74 9.50
CA PHE A 106 4.51 -10.10 9.57
C PHE A 106 5.52 -11.08 9.00
N LEU A 107 6.18 -10.70 7.91
CA LEU A 107 7.12 -11.59 7.26
C LEU A 107 8.34 -11.89 8.13
N LYS A 108 8.57 -11.06 9.14
CA LYS A 108 9.70 -11.28 10.05
C LYS A 108 9.36 -12.17 11.24
N THR A 109 8.08 -12.46 11.41
CA THR A 109 7.60 -13.28 12.52
C THR A 109 8.02 -14.73 12.31
N PRO A 110 7.90 -15.57 13.35
CA PRO A 110 8.12 -17.02 13.24
C PRO A 110 7.21 -17.67 12.20
N SER A 111 6.00 -17.12 12.06
CA SER A 111 5.02 -17.63 11.12
C SER A 111 5.37 -17.26 9.68
N GLY A 112 5.59 -15.97 9.45
CA GLY A 112 5.88 -15.51 8.10
C GLY A 112 7.21 -16.03 7.59
N ILE A 113 8.14 -16.25 8.52
CA ILE A 113 9.46 -16.78 8.20
C ILE A 113 9.38 -18.21 7.67
N LYS A 114 8.35 -18.94 8.07
CA LYS A 114 8.19 -20.32 7.65
C LYS A 114 7.39 -20.39 6.35
N LEU A 115 7.05 -19.22 5.81
CA LEU A 115 6.27 -19.16 4.58
C LEU A 115 7.04 -19.69 3.38
N THR A 116 6.38 -20.58 2.66
CA THR A 116 6.91 -21.17 1.44
C THR A 116 6.87 -20.14 0.31
N ILE A 117 7.76 -20.30 -0.67
CA ILE A 117 7.78 -19.46 -1.86
C ILE A 117 6.44 -19.53 -2.59
N ASN A 118 5.81 -20.69 -2.53
CA ASN A 118 4.48 -20.90 -3.09
C ASN A 118 3.49 -19.88 -2.53
N LYS A 119 3.44 -19.78 -1.21
CA LYS A 119 2.54 -18.87 -0.52
C LYS A 119 2.90 -17.40 -0.77
N LEU A 120 4.19 -17.10 -0.77
CA LEU A 120 4.66 -15.76 -1.09
C LEU A 120 4.21 -15.27 -2.47
N LEU A 121 4.25 -16.15 -3.47
CA LEU A 121 3.81 -15.79 -4.81
C LEU A 121 2.30 -15.60 -4.85
N ASP A 122 1.62 -16.34 -3.99
CA ASP A 122 0.19 -16.19 -3.81
C ASP A 122 -0.09 -14.78 -3.28
N MET A 123 0.61 -14.41 -2.22
CA MET A 123 0.40 -13.11 -1.61
C MET A 123 0.65 -12.00 -2.62
N ALA A 124 1.62 -12.21 -3.50
CA ALA A 124 2.01 -11.19 -4.47
C ALA A 124 0.96 -11.03 -5.56
N ALA A 125 0.30 -12.13 -5.91
CA ALA A 125 -0.78 -12.07 -6.90
C ALA A 125 -1.99 -11.38 -6.31
N GLN A 126 -2.21 -11.53 -5.00
CA GLN A 126 -3.31 -10.84 -4.34
C GLN A 126 -3.13 -9.33 -4.37
N ILE A 127 -1.90 -8.88 -4.13
CA ILE A 127 -1.60 -7.46 -4.14
C ILE A 127 -1.71 -6.89 -5.56
N ALA A 128 -1.29 -7.67 -6.54
CA ALA A 128 -1.38 -7.22 -7.92
C ALA A 128 -2.85 -7.10 -8.31
N GLU A 129 -3.67 -8.02 -7.82
CA GLU A 129 -5.08 -8.07 -8.15
C GLU A 129 -5.80 -6.84 -7.61
N GLY A 130 -5.47 -6.47 -6.39
CA GLY A 130 -6.04 -5.29 -5.79
C GLY A 130 -5.62 -4.02 -6.50
N MET A 131 -4.40 -4.01 -7.03
CA MET A 131 -3.91 -2.89 -7.82
C MET A 131 -4.57 -2.82 -9.19
N ALA A 132 -4.95 -3.98 -9.72
CA ALA A 132 -5.67 -4.04 -11.00
C ALA A 132 -7.00 -3.29 -10.90
N PHE A 133 -7.73 -3.54 -9.82
CA PHE A 133 -8.99 -2.84 -9.59
C PHE A 133 -8.77 -1.35 -9.57
N ILE A 134 -7.78 -0.90 -8.80
CA ILE A 134 -7.41 0.51 -8.73
C ILE A 134 -7.03 1.06 -10.10
N GLU A 135 -6.24 0.29 -10.84
CA GLU A 135 -5.80 0.66 -12.17
C GLU A 135 -7.00 1.05 -13.04
N GLU A 136 -8.00 0.16 -13.10
CA GLU A 136 -9.14 0.33 -13.99
C GLU A 136 -10.08 1.43 -13.54
N ARG A 137 -9.97 1.82 -12.27
CA ARG A 137 -10.83 2.85 -11.72
C ARG A 137 -10.17 4.20 -11.87
N ASN A 138 -9.08 4.24 -12.63
CA ASN A 138 -8.36 5.48 -12.91
C ASN A 138 -7.76 6.12 -11.67
N TYR A 139 -7.33 5.30 -10.72
CA TYR A 139 -6.57 5.78 -9.58
C TYR A 139 -5.09 5.42 -9.67
N ILE A 140 -4.27 6.17 -8.95
CA ILE A 140 -2.92 5.74 -8.60
C ILE A 140 -2.82 5.71 -7.07
N HIS A 141 -1.97 4.84 -6.55
CA HIS A 141 -1.78 4.72 -5.11
C HIS A 141 -0.67 5.64 -4.61
N ARG A 142 0.51 5.54 -5.21
CA ARG A 142 1.65 6.43 -4.96
C ARG A 142 2.49 6.12 -3.74
N ASP A 143 2.09 5.10 -2.97
CA ASP A 143 2.87 4.68 -1.81
C ASP A 143 2.89 3.17 -1.65
N LEU A 144 3.02 2.46 -2.77
CA LEU A 144 2.94 1.00 -2.76
C LEU A 144 4.24 0.35 -2.28
N ARG A 145 4.19 -0.25 -1.09
CA ARG A 145 5.30 -1.01 -0.55
C ARG A 145 4.84 -1.86 0.63
N ALA A 146 5.60 -2.89 0.96
CA ALA A 146 5.19 -3.92 1.91
C ALA A 146 4.60 -3.37 3.21
N ALA A 147 5.04 -2.18 3.60
CA ALA A 147 4.58 -1.57 4.84
C ALA A 147 3.09 -1.21 4.75
N ASN A 148 2.64 -0.89 3.54
CA ASN A 148 1.26 -0.46 3.34
C ASN A 148 0.35 -1.58 2.87
N ILE A 149 0.77 -2.82 3.10
CA ILE A 149 -0.06 -3.98 2.83
C ILE A 149 -0.40 -4.72 4.12
N LEU A 150 -1.68 -4.98 4.33
CA LEU A 150 -2.11 -5.59 5.58
C LEU A 150 -2.48 -7.07 5.39
N VAL A 151 -2.30 -7.85 6.45
CA VAL A 151 -2.48 -9.30 6.37
C VAL A 151 -3.59 -9.76 7.33
N SER A 152 -4.55 -10.48 6.81
CA SER A 152 -5.66 -10.99 7.62
C SER A 152 -5.26 -12.28 8.30
N ASP A 153 -6.12 -12.75 9.19
CA ASP A 153 -5.90 -13.97 9.94
C ASP A 153 -5.97 -15.26 9.10
N THR A 154 -6.39 -15.14 7.84
CA THR A 154 -6.35 -16.28 6.92
C THR A 154 -5.18 -16.16 5.94
N LEU A 155 -4.31 -15.19 6.22
CA LEU A 155 -3.12 -14.97 5.41
C LEU A 155 -3.48 -14.49 4.03
N SER A 156 -4.50 -13.63 3.94
CA SER A 156 -4.77 -12.94 2.69
C SER A 156 -4.35 -11.48 2.84
N CYS A 157 -4.13 -10.82 1.72
CA CYS A 157 -3.50 -9.51 1.71
C CYS A 157 -4.44 -8.45 1.18
N LYS A 158 -4.42 -7.29 1.82
CA LYS A 158 -5.17 -6.15 1.33
C LYS A 158 -4.32 -4.88 1.31
N ILE A 159 -4.54 -4.07 0.29
CA ILE A 159 -3.87 -2.78 0.16
C ILE A 159 -4.48 -1.82 1.16
N ALA A 160 -3.62 -1.04 1.81
CA ALA A 160 -4.06 -0.06 2.80
C ALA A 160 -3.49 1.30 2.48
N ASP A 161 -3.82 2.27 3.32
CA ASP A 161 -3.19 3.58 3.35
C ASP A 161 -3.32 4.36 2.04
N PHE A 162 -4.38 5.16 1.93
CA PHE A 162 -4.66 5.88 0.70
C PHE A 162 -4.52 7.39 0.86
N GLY A 163 -3.67 7.80 1.81
CA GLY A 163 -3.46 9.22 2.03
C GLY A 163 -2.88 9.93 0.83
N LEU A 164 -2.08 9.22 0.04
CA LEU A 164 -1.43 9.79 -1.12
C LEU A 164 -2.12 9.42 -2.44
N ALA A 165 -3.19 8.63 -2.36
CA ALA A 165 -3.84 8.11 -3.56
C ALA A 165 -4.58 9.21 -4.33
N ARG A 166 -4.65 9.07 -5.65
CA ARG A 166 -5.28 10.11 -6.46
C ARG A 166 -6.06 9.56 -7.64
N LEU A 167 -7.19 10.21 -7.93
CA LEU A 167 -7.90 10.00 -9.18
C LEU A 167 -7.15 10.75 -10.28
N ILE A 168 -7.07 10.16 -11.46
CA ILE A 168 -6.44 10.80 -12.61
C ILE A 168 -7.47 11.20 -13.66
N GLU A 169 -7.73 12.50 -13.76
CA GLU A 169 -8.65 13.03 -14.77
C GLU A 169 -8.22 12.51 -16.14
N ASP A 170 -7.02 12.90 -16.55
CA ASP A 170 -6.41 12.37 -17.76
C ASP A 170 -4.95 12.01 -17.50
N ASN A 171 -4.54 10.85 -18.00
CA ASN A 171 -3.15 10.42 -17.98
C ASN A 171 -2.46 10.41 -16.61
N GLU A 172 -2.01 11.56 -16.14
CA GLU A 172 -1.07 11.58 -15.01
C GLU A 172 -1.27 12.64 -13.93
N PTR A 173 -0.51 12.50 -12.85
CA PTR A 173 -0.53 13.42 -11.72
C PTR A 173 0.83 14.05 -11.54
O PTR A 173 1.86 13.36 -11.53
CB PTR A 173 -0.91 12.65 -10.44
CG PTR A 173 -1.08 13.52 -9.22
CD1 PTR A 173 -2.34 13.92 -8.80
CD2 PTR A 173 0.01 13.89 -8.44
CE1 PTR A 173 -2.51 14.65 -7.65
CE2 PTR A 173 -0.15 14.63 -7.29
CZ PTR A 173 -1.42 15.01 -6.88
OH PTR A 173 -1.64 15.71 -5.69
P PTR A 173 -0.64 16.68 -4.99
O1P PTR A 173 -0.11 17.41 -6.18
O2P PTR A 173 -1.71 17.32 -4.20
O3P PTR A 173 0.25 15.70 -4.32
N THR A 174 0.86 15.37 -11.40
CA THR A 174 2.09 16.07 -11.11
C THR A 174 2.11 16.54 -9.66
N ALA A 175 3.16 16.16 -8.96
CA ALA A 175 3.33 16.53 -7.55
C ALA A 175 3.69 18.01 -7.44
N ARG A 176 3.53 18.57 -6.25
CA ARG A 176 3.81 19.97 -6.02
C ARG A 176 5.29 20.20 -5.71
N GLU A 177 5.75 21.44 -5.89
CA GLU A 177 7.10 21.82 -5.50
C GLU A 177 7.21 21.80 -3.98
N GLY A 178 7.58 20.66 -3.42
CA GLY A 178 7.72 20.54 -1.97
C GLY A 178 7.20 19.25 -1.40
N ALA A 179 7.16 18.22 -2.23
CA ALA A 179 6.75 16.88 -1.76
C ALA A 179 7.91 15.88 -1.92
N LYS A 180 8.07 15.01 -0.93
CA LYS A 180 9.12 14.00 -0.97
C LYS A 180 8.53 12.58 -0.94
N PHE A 181 9.25 11.63 -1.53
CA PHE A 181 8.81 10.25 -1.56
C PHE A 181 9.96 9.31 -1.24
N PRO A 182 9.65 8.09 -0.78
CA PRO A 182 10.72 7.13 -0.51
C PRO A 182 11.52 6.92 -1.79
N ILE A 183 12.78 7.31 -1.78
CA ILE A 183 13.55 7.30 -3.02
C ILE A 183 13.75 5.87 -3.55
N LYS A 184 13.77 4.88 -2.67
CA LYS A 184 14.09 3.51 -3.06
C LYS A 184 12.91 2.76 -3.69
N TRP A 185 11.69 3.18 -3.36
CA TRP A 185 10.48 2.59 -3.93
C TRP A 185 9.91 3.36 -5.12
N THR A 186 10.45 4.55 -5.38
CA THR A 186 9.82 5.47 -6.30
C THR A 186 10.44 5.45 -7.70
N ALA A 187 9.57 5.47 -8.71
CA ALA A 187 10.01 5.41 -10.09
C ALA A 187 10.82 6.66 -10.44
N PRO A 188 11.83 6.52 -11.31
CA PRO A 188 12.71 7.66 -11.60
C PRO A 188 11.92 8.92 -11.99
N GLU A 189 11.04 8.79 -12.99
CA GLU A 189 10.33 9.95 -13.51
C GLU A 189 9.56 10.70 -12.44
N ALA A 190 9.12 10.01 -11.41
CA ALA A 190 8.38 10.63 -10.33
C ALA A 190 9.35 11.32 -9.38
N ILE A 191 10.60 10.89 -9.43
CA ILE A 191 11.64 11.54 -8.64
C ILE A 191 12.15 12.78 -9.36
N ASN A 192 12.39 12.64 -10.66
CA ASN A 192 12.97 13.72 -11.46
C ASN A 192 11.97 14.81 -11.87
N TYR A 193 10.76 14.43 -12.24
CA TYR A 193 9.79 15.39 -12.75
C TYR A 193 8.54 15.52 -11.90
N GLY A 194 8.47 14.75 -10.82
CA GLY A 194 7.29 14.77 -9.97
C GLY A 194 6.06 14.15 -10.62
N THR A 195 6.24 13.48 -11.76
CA THR A 195 5.11 12.94 -12.51
C THR A 195 4.80 11.48 -12.15
N PHE A 196 3.59 11.25 -11.64
CA PHE A 196 3.15 9.93 -11.22
C PHE A 196 2.10 9.40 -12.20
N THR A 197 2.17 8.10 -12.50
CA THR A 197 1.13 7.43 -13.24
C THR A 197 0.90 6.06 -12.62
N ILE A 198 -0.11 5.34 -13.09
CA ILE A 198 -0.29 3.98 -12.63
C ILE A 198 1.01 3.21 -12.93
N LYS A 199 1.75 3.66 -13.95
CA LYS A 199 2.95 2.97 -14.40
C LYS A 199 4.17 3.14 -13.48
N SER A 200 4.12 4.12 -12.58
CA SER A 200 5.14 4.26 -11.56
C SER A 200 4.73 3.56 -10.26
N ASP A 201 3.45 3.19 -10.17
CA ASP A 201 3.00 2.25 -9.15
C ASP A 201 3.53 0.86 -9.52
N VAL A 202 3.66 0.61 -10.82
CA VAL A 202 4.19 -0.67 -11.27
C VAL A 202 5.65 -0.78 -10.86
N TRP A 203 6.40 0.31 -10.99
CA TRP A 203 7.79 0.32 -10.53
C TRP A 203 7.82 -0.08 -9.06
N SER A 204 6.98 0.55 -8.25
CA SER A 204 6.95 0.28 -6.82
C SER A 204 6.57 -1.16 -6.51
N PHE A 205 5.64 -1.73 -7.27
CA PHE A 205 5.27 -3.12 -7.09
C PHE A 205 6.51 -3.98 -7.32
N GLY A 206 7.41 -3.53 -8.18
CA GLY A 206 8.64 -4.27 -8.42
C GLY A 206 9.53 -4.32 -7.20
N ILE A 207 9.66 -3.19 -6.51
CA ILE A 207 10.48 -3.11 -5.31
C ILE A 207 9.78 -3.89 -4.21
N LEU A 208 8.46 -3.92 -4.26
CA LEU A 208 7.68 -4.59 -3.24
C LEU A 208 7.91 -6.09 -3.30
N LEU A 209 8.12 -6.62 -4.51
CA LEU A 209 8.33 -8.05 -4.70
C LEU A 209 9.67 -8.51 -4.11
N THR A 210 10.70 -7.69 -4.24
CA THR A 210 11.99 -8.02 -3.62
C THR A 210 11.80 -7.98 -2.11
N GLU A 211 10.90 -7.10 -1.68
CA GLU A 211 10.62 -6.84 -0.28
C GLU A 211 9.92 -8.06 0.28
N ILE A 212 9.17 -8.76 -0.57
CA ILE A 212 8.49 -9.99 -0.20
C ILE A 212 9.43 -11.19 -0.15
N VAL A 213 10.15 -11.42 -1.25
CA VAL A 213 10.97 -12.60 -1.38
C VAL A 213 12.13 -12.58 -0.39
N THR A 214 12.50 -11.40 0.10
CA THR A 214 13.56 -11.30 1.11
C THR A 214 12.98 -11.22 2.52
N HIS A 215 11.71 -11.58 2.65
CA HIS A 215 11.04 -11.56 3.93
C HIS A 215 11.20 -10.25 4.68
N GLY A 216 11.18 -9.14 3.94
CA GLY A 216 11.07 -7.83 4.57
C GLY A 216 12.28 -6.93 4.43
N ARG A 217 13.40 -7.48 3.98
CA ARG A 217 14.64 -6.72 3.89
C ARG A 217 14.48 -5.46 3.04
N ILE A 218 15.24 -4.42 3.38
CA ILE A 218 15.18 -3.14 2.66
C ILE A 218 15.78 -3.25 1.26
N PRO A 219 15.10 -2.69 0.26
CA PRO A 219 15.61 -2.77 -1.11
C PRO A 219 16.96 -2.10 -1.26
N TYR A 220 17.72 -2.52 -2.27
CA TYR A 220 19.05 -1.97 -2.53
C TYR A 220 19.94 -2.03 -1.29
N PRO A 221 20.22 -3.25 -0.82
CA PRO A 221 21.07 -3.45 0.36
C PRO A 221 22.42 -2.78 0.16
N GLY A 222 22.92 -2.13 1.22
CA GLY A 222 24.25 -1.56 1.19
C GLY A 222 24.32 -0.20 0.50
N MET A 223 23.21 0.26 -0.07
CA MET A 223 23.24 1.48 -0.86
C MET A 223 22.42 2.62 -0.29
N THR A 224 23.02 3.82 -0.34
CA THR A 224 22.32 5.05 0.01
C THR A 224 21.46 5.51 -1.16
N ASN A 225 20.50 6.40 -0.89
CA ASN A 225 19.62 6.93 -1.93
C ASN A 225 20.39 7.45 -3.15
N PRO A 226 21.46 8.24 -2.94
CA PRO A 226 22.23 8.80 -4.05
C PRO A 226 22.86 7.71 -4.92
N GLU A 227 23.47 6.73 -4.26
CA GLU A 227 24.03 5.60 -4.99
C GLU A 227 22.98 4.91 -5.82
N VAL A 228 21.79 4.70 -5.25
CA VAL A 228 20.73 4.00 -5.96
C VAL A 228 20.33 4.79 -7.21
N ILE A 229 20.05 6.07 -7.05
CA ILE A 229 19.73 6.93 -8.19
C ILE A 229 20.80 6.80 -9.25
N GLN A 230 22.05 6.84 -8.80
CA GLN A 230 23.19 6.89 -9.69
C GLN A 230 23.31 5.63 -10.53
N ASN A 231 23.08 4.48 -9.92
CA ASN A 231 23.16 3.20 -10.61
C ASN A 231 22.00 2.98 -11.58
N LEU A 232 20.83 3.52 -11.26
CA LEU A 232 19.67 3.33 -12.12
C LEU A 232 19.90 4.08 -13.42
N GLU A 233 20.56 5.23 -13.33
CA GLU A 233 20.81 6.03 -14.51
C GLU A 233 21.81 5.35 -15.43
N ARG A 234 22.65 4.49 -14.87
CA ARG A 234 23.59 3.70 -15.66
C ARG A 234 22.90 2.55 -16.38
N GLY A 235 21.63 2.31 -16.03
CA GLY A 235 20.91 1.18 -16.61
C GLY A 235 20.90 -0.05 -15.72
N TYR A 236 21.72 -0.03 -14.67
CA TYR A 236 21.69 -1.05 -13.63
C TYR A 236 20.34 -1.05 -12.92
N ARG A 237 19.92 -2.24 -12.49
CA ARG A 237 18.75 -2.39 -11.63
C ARG A 237 19.21 -3.15 -10.40
N MET A 238 18.31 -3.32 -9.44
CA MET A 238 18.69 -3.97 -8.18
C MET A 238 19.28 -5.33 -8.44
N VAL A 239 20.33 -5.66 -7.70
CA VAL A 239 20.97 -6.97 -7.77
C VAL A 239 20.00 -8.05 -7.32
N ARG A 240 20.01 -9.19 -8.01
CA ARG A 240 19.16 -10.32 -7.67
C ARG A 240 19.20 -10.59 -6.17
N PRO A 241 18.05 -10.44 -5.49
CA PRO A 241 17.97 -10.88 -4.09
C PRO A 241 18.28 -12.37 -3.95
N ASP A 242 18.74 -12.76 -2.77
CA ASP A 242 19.09 -14.16 -2.52
C ASP A 242 17.83 -15.00 -2.49
N ASN A 243 17.93 -16.23 -2.98
CA ASN A 243 16.79 -17.14 -2.97
C ASN A 243 15.63 -16.47 -3.69
N CYS A 244 15.93 -15.87 -4.82
CA CYS A 244 14.90 -15.28 -5.67
C CYS A 244 14.86 -16.07 -6.97
N PRO A 245 13.72 -16.71 -7.25
CA PRO A 245 13.60 -17.47 -8.50
C PRO A 245 13.81 -16.53 -9.68
N GLU A 246 14.59 -16.97 -10.66
CA GLU A 246 14.93 -16.11 -11.78
C GLU A 246 13.70 -15.69 -12.56
N GLU A 247 12.71 -16.57 -12.65
CA GLU A 247 11.41 -16.22 -13.21
C GLU A 247 10.84 -14.98 -12.55
N LEU A 248 10.97 -14.92 -11.24
CA LEU A 248 10.44 -13.81 -10.46
C LEU A 248 11.30 -12.57 -10.66
N TYR A 249 12.61 -12.77 -10.69
CA TYR A 249 13.52 -11.63 -10.82
C TYR A 249 13.27 -10.92 -12.14
N GLN A 250 12.98 -11.69 -13.20
CA GLN A 250 12.76 -11.13 -14.53
C GLN A 250 11.46 -10.34 -14.61
N LEU A 251 10.48 -10.72 -13.80
CA LEU A 251 9.22 -10.00 -13.73
C LEU A 251 9.43 -8.63 -13.09
N MET A 252 10.26 -8.59 -12.04
CA MET A 252 10.60 -7.34 -11.37
C MET A 252 11.22 -6.40 -12.40
N ARG A 253 12.00 -6.98 -13.29
CA ARG A 253 12.69 -6.23 -14.32
C ARG A 253 11.76 -5.61 -15.37
N LEU A 254 10.63 -6.24 -15.64
CA LEU A 254 9.64 -5.65 -16.54
C LEU A 254 9.03 -4.45 -15.85
N CYS A 255 9.02 -4.47 -14.53
CA CYS A 255 8.48 -3.35 -13.76
C CYS A 255 9.43 -2.17 -13.70
N TRP A 256 10.71 -2.42 -13.99
CA TRP A 256 11.74 -1.38 -13.86
C TRP A 256 12.21 -0.91 -15.24
N LYS A 257 11.47 -1.29 -16.27
CA LYS A 257 11.66 -0.73 -17.60
C LYS A 257 11.89 0.78 -17.53
N GLU A 258 12.79 1.28 -18.37
CA GLU A 258 13.16 2.68 -18.37
C GLU A 258 12.01 3.60 -18.77
N ARG A 259 11.34 3.26 -19.87
CA ARG A 259 10.17 4.02 -20.28
C ARG A 259 8.91 3.52 -19.58
N PRO A 260 8.16 4.43 -18.94
CA PRO A 260 6.94 4.08 -18.20
C PRO A 260 5.99 3.21 -19.00
N GLU A 261 5.74 3.60 -20.25
CA GLU A 261 4.75 2.93 -21.07
C GLU A 261 5.16 1.52 -21.50
N ASP A 262 6.40 1.15 -21.23
CA ASP A 262 6.89 -0.20 -21.49
C ASP A 262 6.64 -1.15 -20.34
N ARG A 263 6.29 -0.59 -19.18
CA ARG A 263 6.02 -1.38 -17.99
C ARG A 263 4.62 -1.99 -18.10
N PRO A 264 4.46 -3.22 -17.61
CA PRO A 264 3.22 -3.98 -17.81
C PRO A 264 2.02 -3.41 -17.05
N THR A 265 0.84 -3.97 -17.30
CA THR A 265 -0.36 -3.62 -16.55
C THR A 265 -0.43 -4.48 -15.30
N PHE A 266 -1.18 -4.03 -14.31
CA PHE A 266 -1.31 -4.81 -13.10
C PHE A 266 -2.10 -6.10 -13.32
N ASP A 267 -3.03 -6.09 -14.26
CA ASP A 267 -3.75 -7.30 -14.62
C ASP A 267 -2.83 -8.35 -15.26
N TYR A 268 -1.88 -7.89 -16.08
CA TYR A 268 -0.87 -8.77 -16.63
C TYR A 268 -0.06 -9.41 -15.49
N LEU A 269 0.47 -8.57 -14.62
CA LEU A 269 1.23 -9.02 -13.46
C LEU A 269 0.50 -10.10 -12.68
N ARG A 270 -0.78 -9.85 -12.38
CA ARG A 270 -1.60 -10.82 -11.67
C ARG A 270 -1.65 -12.15 -12.42
N SER A 271 -1.84 -12.08 -13.74
CA SER A 271 -1.91 -13.29 -14.56
C SER A 271 -0.64 -14.10 -14.39
N VAL A 272 0.50 -13.43 -14.58
CA VAL A 272 1.78 -14.12 -14.53
C VAL A 272 2.02 -14.70 -13.16
N LEU A 273 1.76 -13.93 -12.12
CA LEU A 273 1.99 -14.37 -10.75
C LEU A 273 1.10 -15.54 -10.39
N GLU A 274 -0.12 -15.56 -10.91
CA GLU A 274 -1.03 -16.65 -10.66
C GLU A 274 -0.63 -17.91 -11.41
N ASP A 275 0.05 -17.76 -12.53
CA ASP A 275 0.64 -18.90 -13.23
C ASP A 275 1.82 -19.46 -12.44
N PHE A 276 2.65 -18.56 -11.90
CA PHE A 276 3.78 -18.99 -11.06
C PHE A 276 3.23 -19.73 -9.85
N PHE A 277 2.22 -19.16 -9.22
CA PHE A 277 1.69 -19.70 -7.97
C PHE A 277 1.13 -21.10 -8.19
N THR A 278 0.22 -21.24 -9.15
CA THR A 278 -0.43 -22.53 -9.38
C THR A 278 0.55 -23.53 -9.99
N ALA A 279 1.71 -23.06 -10.40
CA ALA A 279 2.75 -23.94 -10.94
C ALA A 279 3.46 -24.66 -9.80
N THR A 280 3.93 -23.88 -8.82
CA THR A 280 4.62 -24.44 -7.67
C THR A 280 3.69 -25.26 -6.77
N1 LHL B . -5.80 -3.38 10.50
C2 LHL B . -4.72 -3.17 11.29
N2 LHL B . -4.33 -4.28 12.09
N3 LHL B . -4.02 -2.01 11.34
C4 LHL B . -4.48 -1.02 10.57
C5 LHL B . -2.49 0.32 11.29
N5 LHL B . -3.78 0.22 10.59
C6 LHL B . -4.29 1.39 9.97
O6 LHL B . -3.68 2.46 10.03
N7 LHL B . -5.53 1.28 9.31
C8 LHL B . -6.06 -0.03 8.88
C9 LHL B . -5.58 -1.16 9.76
C10 LHL B . -6.21 -2.38 9.72
C21 LHL B . -3.08 -4.33 12.85
C22 LHL B . -2.89 -5.45 13.65
C23 LHL B . -1.73 -5.58 14.39
C24 LHL B . -0.76 -4.59 14.31
O24 LHL B . 0.40 -4.75 15.05
C25 LHL B . -0.94 -3.45 13.50
C26 LHL B . -2.11 -3.32 12.76
C27 LHL B . 0.96 -3.51 15.49
C28 LHL B . 1.46 -3.61 16.94
N28 LHL B . 2.72 -4.40 17.02
C29 LHL B . 2.44 -5.85 17.10
C30 LHL B . 3.74 -6.65 17.02
C31 LHL B . 3.55 -3.97 18.17
C32 LHL B . 3.96 -2.50 18.02
C71 LHL B . -6.14 2.48 8.76
C72 LHL B . -5.71 2.97 7.52
CL72 LHL B . -4.42 2.18 6.65
C73 LHL B . -6.30 4.13 6.99
C74 LHL B . -7.30 4.80 7.72
C75 LHL B . -7.73 4.31 8.96
C76 LHL B . -7.14 3.15 9.48
CL76 LHL B . -7.68 2.54 11.02
S SO4 C . -10.74 -11.88 1.81
O1 SO4 C . -11.34 -10.64 2.35
O2 SO4 C . -11.24 -12.08 0.43
O3 SO4 C . -9.28 -11.73 1.80
O4 SO4 C . -11.12 -13.03 2.64
#